data_3KOJ
#
_entry.id   3KOJ
#
_cell.length_a   70.843
_cell.length_b   113.028
_cell.length_c   73.382
_cell.angle_alpha   90.00
_cell.angle_beta   90.00
_cell.angle_gamma   90.00
#
_symmetry.space_group_name_H-M   'C 2 2 21'
#
loop_
_entity.id
_entity.type
_entity.pdbx_description
1 polymer 'uncharacterized protein ycf41'
2 water water
#
_entity_poly.entity_id   1
_entity_poly.type   'polypeptide(L)'
_entity_poly.pdbx_seq_one_letter_code
;(MSE)GHHHHHHSH(MSE)NSCILQATVVEAPQLRYAQDNQTPVAE(MSE)VVQFPGLSSKDAPARLKVVGWGAVAQELQ
DRCRLNDEVVLEGRLRINSLLKPDGNREKQTELTVTRVHH
;
_entity_poly.pdbx_strand_id   A,B
#
# COMPACT_ATOMS: atom_id res chain seq x y z
N HIS A 7 13.33 4.44 10.77
CA HIS A 7 13.76 3.56 11.89
C HIS A 7 12.59 2.72 12.41
N HIS A 8 11.55 2.58 11.58
CA HIS A 8 10.40 1.77 11.95
C HIS A 8 10.86 0.33 12.06
N SER A 9 10.15 -0.46 12.85
CA SER A 9 10.49 -1.86 13.06
C SER A 9 10.38 -2.73 11.81
N HIS A 10 9.22 -2.66 11.15
CA HIS A 10 8.92 -3.48 9.98
C HIS A 10 9.13 -2.88 8.61
N MSE A 11 9.41 -3.74 7.63
CA MSE A 11 9.55 -3.29 6.26
C MSE A 11 8.16 -2.90 5.79
O MSE A 11 7.18 -3.61 6.03
CB MSE A 11 10.07 -4.41 5.36
CG MSE A 11 11.52 -4.76 5.55
SE MSE A 11 12.06 -6.19 4.36
CE MSE A 11 13.79 -6.56 5.17
N ASN A 12 8.07 -1.77 5.10
CA ASN A 12 6.81 -1.27 4.57
C ASN A 12 7.26 -0.25 3.54
N SER A 13 7.58 -0.75 2.35
CA SER A 13 8.08 0.10 1.29
C SER A 13 7.14 0.10 0.10
N CYS A 14 6.44 1.21 -0.09
CA CYS A 14 5.49 1.34 -1.19
C CYS A 14 5.93 2.49 -2.07
N ILE A 15 6.27 2.17 -3.30
CA ILE A 15 6.72 3.15 -4.27
C ILE A 15 5.77 3.05 -5.45
N LEU A 16 5.08 4.16 -5.73
CA LEU A 16 4.10 4.21 -6.80
C LEU A 16 4.21 5.40 -7.72
N GLN A 17 3.95 5.18 -9.01
CA GLN A 17 3.89 6.27 -9.98
C GLN A 17 2.39 6.59 -9.96
N ALA A 18 2.03 7.86 -9.79
CA ALA A 18 0.63 8.25 -9.75
C ALA A 18 0.41 9.67 -10.25
N THR A 19 -0.84 10.00 -10.51
CA THR A 19 -1.19 11.34 -10.99
C THR A 19 -1.99 12.06 -9.92
N VAL A 20 -1.63 13.31 -9.65
CA VAL A 20 -2.34 14.11 -8.65
C VAL A 20 -3.74 14.44 -9.15
N VAL A 21 -4.77 14.05 -8.40
CA VAL A 21 -6.15 14.34 -8.80
C VAL A 21 -6.82 15.29 -7.82
N GLU A 22 -6.15 15.56 -6.70
CA GLU A 22 -6.62 16.51 -5.71
C GLU A 22 -5.33 17.14 -5.17
N ALA A 23 -5.05 18.38 -5.57
CA ALA A 23 -3.84 19.09 -5.18
C ALA A 23 -3.64 19.16 -3.66
N PRO A 24 -2.39 19.24 -3.22
CA PRO A 24 -2.05 19.30 -1.80
C PRO A 24 -2.61 20.47 -1.01
N GLN A 25 -2.97 20.20 0.23
CA GLN A 25 -3.48 21.21 1.14
C GLN A 25 -2.65 21.04 2.42
N LEU A 26 -2.11 22.15 2.92
CA LEU A 26 -1.25 22.12 4.09
C LEU A 26 -1.69 22.96 5.28
N ARG A 27 -1.43 22.44 6.47
CA ARG A 27 -1.74 23.11 7.73
C ARG A 27 -0.71 22.61 8.72
N TYR A 28 -0.79 23.09 9.95
CA TYR A 28 0.14 22.64 10.98
C TYR A 28 -0.63 21.77 11.92
N ALA A 29 0.01 20.69 12.35
CA ALA A 29 -0.65 19.75 13.24
C ALA A 29 -0.69 20.15 14.72
N GLN A 30 -1.17 19.21 15.52
CA GLN A 30 -1.31 19.34 16.96
C GLN A 30 -0.21 20.15 17.64
N ASP A 31 1.00 19.59 17.62
CA ASP A 31 2.17 20.24 18.21
C ASP A 31 2.17 21.71 17.80
N ASN A 32 1.41 21.99 16.74
CA ASN A 32 1.24 23.33 16.21
C ASN A 32 2.56 23.84 15.67
N GLN A 33 3.38 22.90 15.25
CA GLN A 33 4.70 23.22 14.74
C GLN A 33 5.04 22.36 13.52
N THR A 34 4.51 21.14 13.47
CA THR A 34 4.80 20.25 12.35
C THR A 34 3.83 20.37 11.17
N PRO A 35 4.37 20.72 10.00
CA PRO A 35 3.54 20.86 8.80
C PRO A 35 3.03 19.50 8.36
N VAL A 36 1.79 19.45 7.87
CA VAL A 36 1.21 18.21 7.39
C VAL A 36 0.43 18.52 6.12
N ALA A 37 0.75 17.81 5.04
CA ALA A 37 0.09 18.01 3.76
C ALA A 37 -0.66 16.77 3.30
N GLU A 38 -1.84 16.97 2.73
CA GLU A 38 -2.64 15.86 2.23
C GLU A 38 -3.07 16.12 0.79
N MSE A 39 -3.07 15.07 -0.01
CA MSE A 39 -3.49 15.18 -1.39
C MSE A 39 -4.02 13.82 -1.80
O MSE A 39 -3.99 12.87 -1.01
CB MSE A 39 -2.34 15.61 -2.32
CG MSE A 39 -1.16 14.66 -2.41
SE MSE A 39 0.21 15.43 -3.59
CE MSE A 39 0.32 14.02 -4.90
N VAL A 40 -4.53 13.73 -3.01
CA VAL A 40 -5.07 12.47 -3.50
C VAL A 40 -4.49 12.22 -4.88
N VAL A 41 -4.09 10.98 -5.12
CA VAL A 41 -3.52 10.62 -6.41
C VAL A 41 -4.29 9.45 -6.99
N GLN A 42 -4.07 9.22 -8.27
CA GLN A 42 -4.73 8.14 -8.98
C GLN A 42 -3.69 7.32 -9.73
N PHE A 43 -3.85 6.00 -9.71
CA PHE A 43 -2.92 5.12 -10.42
C PHE A 43 -3.68 4.00 -11.12
N PRO A 44 -3.09 3.46 -12.20
CA PRO A 44 -3.69 2.37 -13.00
C PRO A 44 -3.99 1.11 -12.21
N GLY A 45 -5.11 0.47 -12.57
CA GLY A 45 -5.50 -0.76 -11.90
C GLY A 45 -4.68 -1.95 -12.38
N ALA A 51 -10.97 0.04 -13.36
CA ALA A 51 -10.89 1.50 -13.33
C ALA A 51 -9.67 1.95 -12.52
N PRO A 52 -9.29 3.23 -12.64
CA PRO A 52 -8.14 3.76 -11.89
C PRO A 52 -8.42 3.79 -10.40
N ALA A 53 -7.39 3.60 -9.59
CA ALA A 53 -7.56 3.63 -8.15
C ALA A 53 -7.21 5.02 -7.63
N ARG A 54 -7.93 5.45 -6.59
CA ARG A 54 -7.64 6.74 -5.97
C ARG A 54 -7.07 6.45 -4.58
N LEU A 55 -6.01 7.17 -4.23
CA LEU A 55 -5.33 6.96 -2.96
C LEU A 55 -5.00 8.25 -2.24
N LYS A 56 -5.35 8.31 -0.97
CA LYS A 56 -5.06 9.49 -0.16
C LYS A 56 -3.59 9.44 0.20
N VAL A 57 -2.92 10.57 0.12
CA VAL A 57 -1.50 10.63 0.39
C VAL A 57 -1.22 11.73 1.43
N VAL A 58 -0.45 11.41 2.46
CA VAL A 58 -0.15 12.38 3.51
C VAL A 58 1.35 12.48 3.78
N GLY A 59 1.81 13.70 4.01
CA GLY A 59 3.23 13.92 4.30
C GLY A 59 3.38 14.79 5.53
N TRP A 60 4.43 14.54 6.32
CA TRP A 60 4.67 15.31 7.53
C TRP A 60 6.03 15.98 7.51
N GLY A 61 6.14 17.12 8.18
CA GLY A 61 7.40 17.83 8.26
C GLY A 61 7.93 18.37 6.94
N ALA A 62 9.23 18.20 6.73
CA ALA A 62 9.87 18.70 5.52
C ALA A 62 9.23 18.22 4.21
N VAL A 63 8.80 16.96 4.16
CA VAL A 63 8.22 16.46 2.93
C VAL A 63 6.82 17.03 2.72
N ALA A 64 6.15 17.43 3.79
CA ALA A 64 4.81 18.03 3.69
C ALA A 64 5.00 19.34 2.91
N GLN A 65 6.05 20.09 3.24
CA GLN A 65 6.35 21.35 2.57
C GLN A 65 6.75 21.08 1.11
N GLU A 66 7.48 20.00 0.85
CA GLU A 66 7.90 19.69 -0.52
C GLU A 66 6.68 19.38 -1.36
N LEU A 67 5.75 18.60 -0.82
CA LEU A 67 4.52 18.26 -1.55
C LEU A 67 3.76 19.55 -1.90
N GLN A 68 3.59 20.41 -0.91
CA GLN A 68 2.88 21.68 -1.10
C GLN A 68 3.56 22.59 -2.12
N ASP A 69 4.89 22.57 -2.11
CA ASP A 69 5.65 23.43 -3.03
C ASP A 69 5.72 22.95 -4.48
N ARG A 70 5.72 21.63 -4.68
CA ARG A 70 5.88 21.07 -6.01
C ARG A 70 4.69 20.38 -6.69
N CYS A 71 3.85 19.70 -5.92
CA CYS A 71 2.74 18.96 -6.52
C CYS A 71 1.51 19.78 -6.85
N ARG A 72 1.03 19.63 -8.08
CA ARG A 72 -0.16 20.34 -8.56
C ARG A 72 -1.06 19.38 -9.31
N LEU A 73 -2.33 19.76 -9.46
CA LEU A 73 -3.32 18.96 -10.17
C LEU A 73 -2.73 18.47 -11.50
N ASN A 74 -2.96 17.19 -11.82
CA ASN A 74 -2.49 16.59 -13.08
C ASN A 74 -1.00 16.25 -13.15
N ASP A 75 -0.23 16.59 -12.12
CA ASP A 75 1.21 16.25 -12.13
C ASP A 75 1.37 14.73 -12.00
N GLU A 76 2.35 14.18 -12.70
CA GLU A 76 2.61 12.74 -12.62
C GLU A 76 3.89 12.60 -11.80
N VAL A 77 3.78 11.94 -10.66
CA VAL A 77 4.91 11.81 -9.76
C VAL A 77 5.21 10.39 -9.33
N VAL A 78 6.31 10.24 -8.59
CA VAL A 78 6.68 8.97 -8.00
C VAL A 78 6.66 9.26 -6.51
N LEU A 79 6.01 8.39 -5.75
CA LEU A 79 5.92 8.56 -4.31
C LEU A 79 6.52 7.35 -3.63
N GLU A 80 7.28 7.60 -2.56
CA GLU A 80 7.86 6.53 -1.76
C GLU A 80 7.33 6.74 -0.35
N GLY A 81 6.76 5.70 0.25
CA GLY A 81 6.25 5.86 1.60
C GLY A 81 5.88 4.54 2.25
N ARG A 82 5.09 4.62 3.31
CA ARG A 82 4.64 3.44 4.04
C ARG A 82 3.12 3.37 3.98
N LEU A 83 2.62 2.17 3.70
CA LEU A 83 1.18 1.96 3.60
C LEU A 83 0.54 1.99 4.97
N ARG A 84 -0.61 2.64 5.03
CA ARG A 84 -1.33 2.78 6.28
C ARG A 84 -2.81 2.62 6.02
N ILE A 85 -3.49 2.00 6.97
CA ILE A 85 -4.92 1.82 6.85
C ILE A 85 -5.51 2.33 8.15
N ASN A 86 -6.24 3.42 8.09
CA ASN A 86 -6.81 3.95 9.32
C ASN A 86 -8.32 3.87 9.37
N SER A 87 -8.82 3.83 10.60
CA SER A 87 -10.24 3.74 10.88
C SER A 87 -10.64 4.89 11.80
N GLU A 96 -15.66 2.83 6.68
CA GLU A 96 -14.90 2.21 7.76
C GLU A 96 -13.39 2.37 7.56
N LYS A 97 -12.79 1.47 6.80
CA LYS A 97 -11.35 1.51 6.54
C LYS A 97 -10.98 2.45 5.40
N GLN A 98 -9.91 3.20 5.59
CA GLN A 98 -9.42 4.12 4.57
C GLN A 98 -7.92 3.95 4.38
N THR A 99 -7.51 3.63 3.16
CA THR A 99 -6.11 3.43 2.87
C THR A 99 -5.40 4.76 2.64
N GLU A 100 -4.16 4.82 3.10
CA GLU A 100 -3.36 6.04 2.98
C GLU A 100 -1.89 5.71 2.83
N LEU A 101 -1.20 6.52 2.04
CA LEU A 101 0.23 6.34 1.86
C LEU A 101 0.88 7.50 2.60
N THR A 102 1.65 7.19 3.64
CA THR A 102 2.34 8.22 4.40
C THR A 102 3.68 8.38 3.67
N VAL A 103 3.86 9.53 3.03
CA VAL A 103 5.04 9.81 2.22
C VAL A 103 6.36 10.08 2.93
N THR A 104 7.42 9.45 2.38
CA THR A 104 8.78 9.63 2.88
C THR A 104 9.47 10.58 1.90
N ARG A 105 9.34 10.25 0.61
CA ARG A 105 9.94 11.06 -0.45
C ARG A 105 9.05 11.15 -1.66
N VAL A 106 9.23 12.19 -2.44
CA VAL A 106 8.45 12.37 -3.66
C VAL A 106 9.36 12.88 -4.76
N HIS A 107 9.11 12.42 -5.98
CA HIS A 107 9.89 12.85 -7.13
C HIS A 107 8.93 13.31 -8.20
N HIS A 108 9.13 14.52 -8.71
CA HIS A 108 8.25 14.96 -9.79
C HIS A 108 9.09 15.01 -11.06
N HIS B 7 2.70 -7.47 -18.52
CA HIS B 7 3.59 -6.43 -17.94
C HIS B 7 2.80 -5.16 -17.66
N HIS B 8 3.23 -4.41 -16.64
CA HIS B 8 2.56 -3.18 -16.26
C HIS B 8 3.41 -1.97 -16.61
N SER B 9 2.77 -0.90 -17.07
CA SER B 9 3.48 0.31 -17.46
C SER B 9 3.94 1.18 -16.29
N HIS B 10 3.15 1.20 -15.22
CA HIS B 10 3.46 2.03 -14.05
C HIS B 10 4.16 1.34 -12.91
N MSE B 11 5.02 2.07 -12.22
CA MSE B 11 5.71 1.53 -11.04
C MSE B 11 4.67 1.37 -9.95
O MSE B 11 3.87 2.27 -9.70
CB MSE B 11 6.78 2.50 -10.53
CG MSE B 11 7.99 2.67 -11.42
SE MSE B 11 9.24 3.91 -10.59
CE MSE B 11 10.44 4.08 -12.12
N ASN B 12 4.68 0.21 -9.29
CA ASN B 12 3.77 -0.09 -8.21
C ASN B 12 4.47 -1.21 -7.45
N SER B 13 5.46 -0.84 -6.64
CA SER B 13 6.23 -1.81 -5.87
C SER B 13 5.95 -1.66 -4.39
N CYS B 14 5.22 -2.62 -3.83
CA CYS B 14 4.88 -2.60 -2.42
C CYS B 14 5.45 -3.83 -1.74
N ILE B 15 6.39 -3.61 -0.83
CA ILE B 15 7.02 -4.71 -0.11
C ILE B 15 6.71 -4.53 1.37
N LEU B 16 6.01 -5.52 1.92
CA LEU B 16 5.57 -5.47 3.31
C LEU B 16 5.90 -6.69 4.15
N GLN B 17 6.32 -6.42 5.38
CA GLN B 17 6.61 -7.46 6.35
C GLN B 17 5.29 -7.54 7.11
N ALA B 18 4.69 -8.72 7.19
CA ALA B 18 3.41 -8.86 7.86
C ALA B 18 3.18 -10.25 8.45
N THR B 19 2.12 -10.37 9.25
CA THR B 19 1.75 -11.61 9.90
C THR B 19 0.45 -12.15 9.29
N VAL B 20 0.44 -13.44 8.98
CA VAL B 20 -0.76 -14.07 8.42
C VAL B 20 -1.83 -14.17 9.51
N VAL B 21 -2.99 -13.54 9.29
CA VAL B 21 -4.06 -13.59 10.30
C VAL B 21 -5.33 -14.27 9.80
N GLU B 22 -5.36 -14.61 8.52
CA GLU B 22 -6.47 -15.36 7.96
C GLU B 22 -5.81 -16.31 6.97
N ALA B 23 -5.95 -17.59 7.24
CA ALA B 23 -5.35 -18.62 6.42
C ALA B 23 -5.76 -18.54 4.96
N PRO B 24 -4.82 -18.82 4.05
CA PRO B 24 -5.07 -18.78 2.61
C PRO B 24 -6.14 -19.77 2.18
N GLN B 25 -7.02 -19.32 1.28
CA GLN B 25 -8.08 -20.14 0.73
C GLN B 25 -7.83 -20.14 -0.78
N LEU B 26 -7.88 -21.33 -1.38
CA LEU B 26 -7.62 -21.44 -2.81
C LEU B 26 -8.85 -21.77 -3.65
N ARG B 27 -8.89 -21.21 -4.86
CA ARG B 27 -9.97 -21.45 -5.79
C ARG B 27 -9.38 -21.33 -7.18
N TYR B 28 -10.12 -21.76 -8.20
CA TYR B 28 -9.65 -21.62 -9.56
C TYR B 28 -10.43 -20.47 -10.18
N ALA B 29 -9.73 -19.62 -10.93
CA ALA B 29 -10.36 -18.47 -11.57
C ALA B 29 -11.39 -18.90 -12.62
N GLN B 30 -11.96 -17.92 -13.33
CA GLN B 30 -12.97 -18.18 -14.35
C GLN B 30 -12.54 -19.23 -15.38
N ASP B 31 -11.26 -19.21 -15.75
CA ASP B 31 -10.73 -20.14 -16.73
C ASP B 31 -10.60 -21.57 -16.20
N ASN B 32 -11.03 -21.79 -14.98
CA ASN B 32 -10.95 -23.11 -14.35
C ASN B 32 -9.58 -23.73 -14.59
N GLN B 33 -8.54 -22.91 -14.54
CA GLN B 33 -7.18 -23.39 -14.76
C GLN B 33 -6.15 -22.62 -13.95
N THR B 34 -6.41 -21.34 -13.70
CA THR B 34 -5.49 -20.52 -12.92
C THR B 34 -5.85 -20.48 -11.45
N PRO B 35 -4.97 -21.02 -10.59
CA PRO B 35 -5.20 -21.04 -9.15
C PRO B 35 -5.13 -19.63 -8.58
N VAL B 36 -5.98 -19.33 -7.61
CA VAL B 36 -5.93 -18.03 -6.96
C VAL B 36 -6.12 -18.23 -5.46
N ALA B 37 -5.17 -17.70 -4.70
CA ALA B 37 -5.19 -17.83 -3.26
C ALA B 37 -5.36 -16.47 -2.60
N GLU B 38 -6.20 -16.40 -1.58
CA GLU B 38 -6.38 -15.14 -0.88
C GLU B 38 -6.28 -15.36 0.62
N MSE B 39 -5.66 -14.41 1.29
CA MSE B 39 -5.49 -14.48 2.73
C MSE B 39 -5.49 -13.07 3.26
O MSE B 39 -5.64 -12.12 2.50
CB MSE B 39 -4.18 -15.19 3.08
CG MSE B 39 -2.91 -14.49 2.59
SE MSE B 39 -1.30 -15.51 3.03
CE MSE B 39 0.00 -14.07 2.84
N VAL B 40 -5.34 -12.93 4.58
CA VAL B 40 -5.30 -11.60 5.17
C VAL B 40 -4.07 -11.52 6.06
N VAL B 41 -3.39 -10.38 6.02
CA VAL B 41 -2.21 -10.19 6.86
C VAL B 41 -2.38 -8.93 7.69
N GLN B 42 -1.60 -8.84 8.76
CA GLN B 42 -1.64 -7.69 9.64
C GLN B 42 -0.22 -7.14 9.80
N PHE B 43 -0.10 -5.82 9.77
CA PHE B 43 1.20 -5.19 9.94
C PHE B 43 1.05 -3.95 10.81
N PRO B 44 2.12 -3.56 11.51
CA PRO B 44 2.13 -2.40 12.40
C PRO B 44 1.70 -1.08 11.80
N GLY B 45 1.01 -0.28 12.61
CA GLY B 45 0.59 1.02 12.18
C GLY B 45 1.89 1.81 12.17
N LEU B 46 1.85 3.06 11.75
CA LEU B 46 3.09 3.80 11.72
C LEU B 46 3.47 4.40 13.06
N SER B 47 2.51 4.44 13.99
CA SER B 47 2.80 4.99 15.34
C SER B 47 2.63 3.96 16.49
N SER B 48 1.46 3.33 16.56
CA SER B 48 1.04 2.30 17.55
C SER B 48 -0.28 2.76 18.15
N ASP B 50 -1.57 4.43 16.11
CA ASP B 50 -2.05 3.73 14.92
C ASP B 50 -2.32 2.29 15.28
N ALA B 51 -3.51 1.81 14.91
CA ALA B 51 -3.87 0.43 15.19
C ALA B 51 -3.14 -0.30 14.07
N PRO B 52 -2.85 -1.60 14.25
CA PRO B 52 -2.17 -2.31 13.18
C PRO B 52 -3.12 -2.29 11.98
N ALA B 53 -2.60 -2.51 10.79
CA ALA B 53 -3.47 -2.52 9.63
C ALA B 53 -3.68 -3.95 9.14
N ARG B 54 -4.83 -4.22 8.56
CA ARG B 54 -5.10 -5.54 8.02
C ARG B 54 -5.33 -5.37 6.54
N LEU B 55 -4.74 -6.27 5.76
CA LEU B 55 -4.81 -6.15 4.32
C LEU B 55 -5.09 -7.47 3.61
N LYS B 56 -5.99 -7.42 2.65
CA LYS B 56 -6.31 -8.60 1.86
C LYS B 56 -5.16 -8.81 0.89
N VAL B 57 -4.69 -10.04 0.79
CA VAL B 57 -3.57 -10.37 -0.09
C VAL B 57 -4.03 -11.46 -1.06
N VAL B 58 -3.75 -11.27 -2.34
CA VAL B 58 -4.15 -12.23 -3.35
C VAL B 58 -3.00 -12.63 -4.27
N GLY B 59 -2.88 -13.93 -4.51
CA GLY B 59 -1.84 -14.44 -5.38
C GLY B 59 -2.42 -15.28 -6.50
N TRP B 60 -1.87 -15.15 -7.70
CA TRP B 60 -2.35 -15.91 -8.84
C TRP B 60 -1.30 -16.88 -9.38
N GLY B 61 -1.76 -17.99 -9.93
CA GLY B 61 -0.84 -18.96 -10.50
C GLY B 61 0.07 -19.66 -9.52
N ALA B 62 1.35 -19.80 -9.89
CA ALA B 62 2.32 -20.47 -9.06
C ALA B 62 2.44 -19.89 -7.66
N VAL B 63 2.37 -18.58 -7.54
CA VAL B 63 2.49 -17.96 -6.22
C VAL B 63 1.28 -18.30 -5.34
N ALA B 64 0.13 -18.56 -5.97
CA ALA B 64 -1.07 -18.93 -5.22
C ALA B 64 -0.84 -20.27 -4.53
N GLN B 65 -0.25 -21.22 -5.24
CA GLN B 65 0.02 -22.55 -4.68
C GLN B 65 1.05 -22.46 -3.55
N GLU B 66 2.01 -21.55 -3.70
CA GLU B 66 3.05 -21.35 -2.70
C GLU B 66 2.46 -20.76 -1.40
N LEU B 67 1.53 -19.82 -1.54
CA LEU B 67 0.90 -19.22 -0.38
C LEU B 67 0.13 -20.26 0.43
N GLN B 68 -0.73 -21.01 -0.25
CA GLN B 68 -1.54 -22.03 0.41
C GLN B 68 -0.68 -23.12 1.02
N ASP B 69 0.42 -23.44 0.35
CA ASP B 69 1.31 -24.49 0.80
C ASP B 69 2.15 -24.11 2.01
N ARG B 70 2.62 -22.87 2.03
CA ARG B 70 3.50 -22.38 3.09
C ARG B 70 2.95 -21.48 4.19
N CYS B 71 2.06 -20.56 3.83
CA CYS B 71 1.55 -19.62 4.81
C CYS B 71 0.49 -20.14 5.77
N ARG B 72 0.82 -20.06 7.06
CA ARG B 72 -0.08 -20.51 8.12
C ARG B 72 -0.28 -19.38 9.12
N LEU B 73 -1.36 -19.46 9.90
CA LEU B 73 -1.66 -18.43 10.88
C LEU B 73 -0.46 -18.12 11.75
N ASN B 74 -0.23 -16.83 11.94
CA ASN B 74 0.85 -16.28 12.76
C ASN B 74 2.24 -16.34 12.14
N ASP B 75 2.34 -16.80 10.89
CA ASP B 75 3.64 -16.82 10.21
C ASP B 75 3.97 -15.38 9.84
N GLU B 76 5.24 -15.00 10.01
CA GLU B 76 5.66 -13.64 9.65
C GLU B 76 6.33 -13.77 8.28
N VAL B 77 5.83 -13.03 7.31
CA VAL B 77 6.37 -13.12 5.96
C VAL B 77 6.69 -11.74 5.38
N VAL B 78 7.34 -11.74 4.23
CA VAL B 78 7.62 -10.51 3.50
C VAL B 78 6.93 -10.73 2.17
N LEU B 79 6.09 -9.79 1.78
CA LEU B 79 5.36 -9.91 0.52
C LEU B 79 5.78 -8.80 -0.44
N GLU B 80 5.89 -9.13 -1.72
CA GLU B 80 6.22 -8.15 -2.75
C GLU B 80 5.05 -8.22 -3.73
N GLY B 81 4.46 -7.07 -4.05
CA GLY B 81 3.35 -7.07 -4.98
C GLY B 81 2.95 -5.69 -5.43
N ARG B 82 1.77 -5.59 -6.03
CA ARG B 82 1.24 -4.32 -6.52
C ARG B 82 -0.03 -3.98 -5.75
N LEU B 83 -0.15 -2.73 -5.35
CA LEU B 83 -1.31 -2.26 -4.61
C LEU B 83 -2.50 -2.13 -5.57
N ARG B 84 -3.66 -2.57 -5.12
CA ARG B 84 -4.88 -2.52 -5.92
C ARG B 84 -6.03 -1.99 -5.07
N ILE B 85 -6.92 -1.21 -5.68
CA ILE B 85 -8.06 -0.66 -4.95
C ILE B 85 -9.33 -0.71 -5.79
N LYS B 97 -15.29 0.11 -1.95
CA LYS B 97 -13.88 0.18 -2.31
C LYS B 97 -13.04 -0.69 -1.38
N GLN B 98 -12.41 -1.71 -1.93
CA GLN B 98 -11.58 -2.63 -1.15
C GLN B 98 -10.13 -2.61 -1.60
N THR B 99 -9.22 -2.49 -0.64
CA THR B 99 -7.79 -2.47 -0.93
C THR B 99 -7.22 -3.87 -0.86
N GLU B 100 -6.20 -4.14 -1.66
CA GLU B 100 -5.57 -5.44 -1.63
C GLU B 100 -4.22 -5.41 -2.31
N LEU B 101 -3.35 -6.33 -1.91
CA LEU B 101 -2.02 -6.45 -2.46
C LEU B 101 -2.01 -7.67 -3.35
N THR B 102 -1.75 -7.47 -4.63
CA THR B 102 -1.67 -8.59 -5.56
C THR B 102 -0.20 -8.99 -5.51
N VAL B 103 0.05 -10.12 -4.85
CA VAL B 103 1.40 -10.62 -4.65
C VAL B 103 2.13 -11.21 -5.84
N THR B 104 3.42 -10.86 -5.97
CA THR B 104 4.26 -11.38 -7.03
C THR B 104 5.19 -12.43 -6.42
N ARG B 105 5.73 -12.11 -5.24
CA ARG B 105 6.65 -13.00 -4.55
C ARG B 105 6.45 -12.92 -3.04
N VAL B 106 6.84 -13.99 -2.35
CA VAL B 106 6.72 -14.05 -0.90
C VAL B 106 7.96 -14.72 -0.31
N HIS B 107 8.43 -14.20 0.81
CA HIS B 107 9.57 -14.78 1.51
C HIS B 107 9.02 -15.34 2.81
N HIS B 108 9.12 -16.66 2.98
CA HIS B 108 8.60 -17.33 4.17
C HIS B 108 9.65 -17.40 5.28
#